data_7JSP
#
_entry.id   7JSP
#
_cell.length_a   46.670
_cell.length_b   57.410
_cell.length_c   59.000
_cell.angle_alpha   90.000
_cell.angle_beta   90.000
_cell.angle_gamma   90.000
#
_symmetry.space_group_name_H-M   'P 21 21 21'
#
loop_
_entity.id
_entity.type
_entity.pdbx_description
1 polymer 'Transcription initiation factor TFIID subunit 1'
2 non-polymer 4-(4-{1-[(R)-amino(hydroxy)methyl-lambda~4~-sulfanyl]cyclopropyl}-6-[(3R)-3-methylmorpholin-4-yl]pyrimidin-2-yl)-1H-pyrrolo[2,3-b]pyridine
3 non-polymer 1,2-ETHANEDIOL
4 non-polymer 'SULFATE ION'
5 water water
#
_entity_poly.entity_id   1
_entity_poly.type   'polypeptide(L)'
_entity_poly.pdbx_seq_one_letter_code
;SMDDDQVAFSFILDNIVTQKMMAVPDSWPFHHPVNKKFVPDYYKVIVNPMDLETIRKNISKHKYQSRESFLDDVNLILAN
SVKYNGPESQYTKTAQEIVNVCYQTLTEYDEHLTQLEKDICTAKEAALEEAELESLD
;
_entity_poly.pdbx_strand_id   A
#
# COMPACT_ATOMS: atom_id res chain seq x y z
N SER A 1 -7.97 -6.50 -20.64
CA SER A 1 -7.42 -7.73 -20.07
C SER A 1 -7.09 -7.55 -18.59
N MET A 2 -6.95 -8.66 -17.88
CA MET A 2 -6.57 -8.59 -16.47
C MET A 2 -5.20 -7.94 -16.32
N ASP A 3 -4.33 -8.08 -17.33
CA ASP A 3 -3.02 -7.46 -17.25
C ASP A 3 -3.11 -5.94 -17.40
N ASP A 4 -3.91 -5.46 -18.35
CA ASP A 4 -4.10 -4.02 -18.48
C ASP A 4 -4.75 -3.43 -17.23
N ASP A 5 -5.70 -4.16 -16.64
CA ASP A 5 -6.40 -3.67 -15.46
C ASP A 5 -5.47 -3.65 -14.25
N GLN A 6 -4.65 -4.69 -14.08
CA GLN A 6 -3.71 -4.67 -12.97
C GLN A 6 -2.69 -3.57 -13.14
N VAL A 7 -2.23 -3.34 -14.38
CA VAL A 7 -1.32 -2.23 -14.63
C VAL A 7 -1.96 -0.90 -14.25
N ALA A 8 -3.21 -0.70 -14.69
CA ALA A 8 -3.90 0.54 -14.37
C ALA A 8 -4.07 0.71 -12.86
N PHE A 9 -4.57 -0.33 -12.20
CA PHE A 9 -4.76 -0.29 -10.75
C PHE A 9 -3.47 0.05 -10.04
N SER A 10 -2.37 -0.60 -10.45
CA SER A 10 -1.09 -0.36 -9.78
C SER A 10 -0.57 1.04 -10.06
N PHE A 11 -0.71 1.53 -11.30
CA PHE A 11 -0.26 2.88 -11.61
C PHE A 11 -1.00 3.91 -10.77
N ILE A 12 -2.31 3.73 -10.58
CA ILE A 12 -3.06 4.68 -9.76
C ILE A 12 -2.53 4.68 -8.34
N LEU A 13 -2.31 3.49 -7.76
CA LEU A 13 -1.78 3.42 -6.41
C LEU A 13 -0.40 4.04 -6.33
N ASP A 14 0.46 3.75 -7.31
CA ASP A 14 1.82 4.27 -7.26
C ASP A 14 1.80 5.79 -7.31
N ASN A 15 0.92 6.35 -8.14
CA ASN A 15 0.82 7.80 -8.24
C ASN A 15 0.31 8.42 -6.96
N ILE A 16 -0.60 7.73 -6.25
CA ILE A 16 -1.02 8.23 -4.94
C ILE A 16 0.18 8.28 -4.01
N VAL A 17 1.04 7.24 -4.05
CA VAL A 17 2.18 7.18 -3.14
C VAL A 17 3.17 8.29 -3.45
N THR A 18 3.54 8.45 -4.73
CA THR A 18 4.64 9.36 -5.06
C THR A 18 4.17 10.82 -5.09
N GLN A 19 2.96 11.07 -5.59
CA GLN A 19 2.52 12.43 -5.80
C GLN A 19 1.84 13.04 -4.57
N LYS A 20 1.29 12.22 -3.69
CA LYS A 20 0.52 12.71 -2.56
C LYS A 20 1.14 12.30 -1.23
N MET A 21 1.34 10.99 -0.99
CA MET A 21 1.82 10.55 0.32
C MET A 21 3.27 10.95 0.54
N MET A 22 4.13 10.74 -0.46
CA MET A 22 5.53 11.14 -0.32
C MET A 22 5.69 12.64 -0.28
N ALA A 23 4.70 13.39 -0.70
CA ALA A 23 4.76 14.84 -0.74
C ALA A 23 4.31 15.48 0.57
N VAL A 24 3.83 14.69 1.51
CA VAL A 24 3.47 15.23 2.83
C VAL A 24 4.71 15.85 3.46
N PRO A 25 4.64 17.07 3.99
CA PRO A 25 5.83 17.68 4.55
C PRO A 25 6.43 16.83 5.65
N ASP A 26 7.76 16.76 5.65
CA ASP A 26 8.52 16.11 6.72
C ASP A 26 8.21 14.63 6.82
N SER A 27 7.82 14.02 5.70
CA SER A 27 7.46 12.60 5.67
C SER A 27 8.67 11.69 5.52
N TRP A 28 9.89 12.24 5.48
CA TRP A 28 11.10 11.44 5.25
C TRP A 28 11.21 10.22 6.15
N PRO A 29 10.71 10.23 7.40
CA PRO A 29 10.93 9.03 8.24
C PRO A 29 10.26 7.80 7.67
N PHE A 30 9.28 7.97 6.79
CA PHE A 30 8.45 6.90 6.28
C PHE A 30 8.70 6.59 4.83
N HIS A 31 9.69 7.24 4.20
CA HIS A 31 9.97 7.00 2.79
C HIS A 31 10.71 5.71 2.52
N HIS A 32 11.42 5.15 3.49
CA HIS A 32 12.29 4.00 3.29
C HIS A 32 12.24 3.16 4.56
N PRO A 33 12.67 1.90 4.48
CA PRO A 33 12.83 1.09 5.69
C PRO A 33 13.82 1.74 6.65
N VAL A 34 13.55 1.59 7.94
CA VAL A 34 14.52 2.03 8.94
C VAL A 34 15.79 1.22 8.80
N ASN A 35 16.94 1.90 8.85
CA ASN A 35 18.24 1.27 8.81
C ASN A 35 18.59 0.73 10.20
N LYS A 36 18.80 -0.59 10.29
CA LYS A 36 19.10 -1.22 11.57
C LYS A 36 20.40 -0.71 12.17
N LYS A 37 21.35 -0.26 11.34
CA LYS A 37 22.59 0.28 11.86
C LYS A 37 22.40 1.63 12.53
N PHE A 38 21.37 2.37 12.14
CA PHE A 38 21.05 3.66 12.73
C PHE A 38 20.11 3.52 13.94
N VAL A 39 19.14 2.61 13.87
CA VAL A 39 18.15 2.45 14.92
C VAL A 39 18.05 0.97 15.26
N PRO A 40 19.06 0.39 15.92
CA PRO A 40 19.02 -1.06 16.15
C PRO A 40 17.82 -1.52 16.95
N ASP A 41 17.31 -0.69 17.86
CA ASP A 41 16.16 -1.07 18.67
C ASP A 41 14.88 -1.19 17.84
N TYR A 42 14.84 -0.60 16.64
CA TYR A 42 13.58 -0.52 15.91
C TYR A 42 13.01 -1.90 15.63
N TYR A 43 13.86 -2.82 15.17
CA TYR A 43 13.37 -4.14 14.78
C TYR A 43 13.24 -5.10 15.96
N LYS A 44 13.62 -4.68 17.16
CA LYS A 44 13.23 -5.43 18.35
C LYS A 44 11.80 -5.14 18.76
N VAL A 45 11.25 -4.02 18.32
CA VAL A 45 9.92 -3.56 18.73
C VAL A 45 8.89 -3.78 17.61
N ILE A 46 9.26 -3.49 16.38
CA ILE A 46 8.32 -3.45 15.25
C ILE A 46 8.43 -4.75 14.47
N VAL A 47 7.41 -5.62 14.64
CA VAL A 47 7.43 -6.95 14.06
C VAL A 47 7.10 -6.95 12.58
N ASN A 48 6.24 -6.04 12.13
CA ASN A 48 5.77 -5.98 10.75
C ASN A 48 6.11 -4.60 10.20
N PRO A 49 7.38 -4.34 9.90
CA PRO A 49 7.76 -3.03 9.39
C PRO A 49 7.12 -2.74 8.04
N MET A 50 6.88 -1.44 7.78
CA MET A 50 6.31 -1.02 6.51
C MET A 50 6.71 0.42 6.27
N ASP A 51 6.80 0.78 5.00
CA ASP A 51 7.23 2.12 4.59
C ASP A 51 6.79 2.34 3.14
N LEU A 52 6.95 3.58 2.68
CA LEU A 52 6.43 3.91 1.35
C LEU A 52 7.27 3.28 0.23
N GLU A 53 8.59 3.11 0.42
CA GLU A 53 9.36 2.43 -0.61
C GLU A 53 8.91 0.98 -0.75
N THR A 54 8.68 0.30 0.37
CA THR A 54 8.23 -1.08 0.33
C THR A 54 6.86 -1.19 -0.32
N ILE A 55 5.97 -0.25 -0.03
CA ILE A 55 4.67 -0.26 -0.69
C ILE A 55 4.84 -0.12 -2.19
N ARG A 56 5.74 0.77 -2.64
CA ARG A 56 5.99 0.92 -4.06
C ARG A 56 6.54 -0.35 -4.68
N LYS A 57 7.45 -1.02 -3.97
CA LYS A 57 7.94 -2.31 -4.48
C LYS A 57 6.79 -3.30 -4.61
N ASN A 58 5.90 -3.31 -3.63
CA ASN A 58 4.76 -4.24 -3.65
C ASN A 58 3.83 -3.91 -4.82
N ILE A 59 3.62 -2.61 -5.07
CA ILE A 59 2.81 -2.20 -6.22
C ILE A 59 3.44 -2.70 -7.51
N SER A 60 4.75 -2.56 -7.65
CA SER A 60 5.40 -2.97 -8.89
C SER A 60 5.28 -4.47 -9.13
N LYS A 61 5.13 -5.24 -8.05
CA LYS A 61 4.92 -6.68 -8.15
C LYS A 61 3.43 -7.05 -8.18
N HIS A 62 2.55 -6.05 -8.26
CA HIS A 62 1.11 -6.30 -8.36
C HIS A 62 0.58 -7.02 -7.13
N LYS A 63 1.16 -6.73 -5.96
CA LYS A 63 0.69 -7.37 -4.73
C LYS A 63 -0.75 -7.01 -4.45
N TYR A 64 -1.12 -5.74 -4.66
CA TYR A 64 -2.40 -5.23 -4.20
C TYR A 64 -3.43 -5.39 -5.30
N GLN A 65 -4.44 -6.20 -5.04
CA GLN A 65 -5.56 -6.41 -5.94
C GLN A 65 -6.80 -5.67 -5.48
N SER A 66 -6.73 -4.98 -4.34
CA SER A 66 -7.89 -4.36 -3.74
C SER A 66 -7.44 -3.12 -2.98
N ARG A 67 -8.35 -2.16 -2.85
CA ARG A 67 -8.08 -1.03 -1.98
C ARG A 67 -7.81 -1.47 -0.54
N GLU A 68 -8.54 -2.51 -0.09
CA GLU A 68 -8.37 -2.95 1.29
C GLU A 68 -6.94 -3.43 1.56
N SER A 69 -6.39 -4.23 0.64
CA SER A 69 -5.05 -4.79 0.87
C SER A 69 -4.00 -3.69 0.82
N PHE A 70 -4.17 -2.73 -0.09
CA PHE A 70 -3.31 -1.55 -0.13
C PHE A 70 -3.34 -0.81 1.20
N LEU A 71 -4.55 -0.52 1.71
CA LEU A 71 -4.70 0.22 2.95
C LEU A 71 -4.26 -0.58 4.18
N ASP A 72 -4.23 -1.90 4.11
CA ASP A 72 -3.65 -2.69 5.19
C ASP A 72 -2.20 -2.26 5.42
N ASP A 73 -1.43 -2.15 4.35
CA ASP A 73 -0.01 -1.77 4.49
C ASP A 73 0.13 -0.28 4.80
N VAL A 74 -0.74 0.57 4.22
CA VAL A 74 -0.68 1.97 4.54
C VAL A 74 -0.89 2.17 6.03
N ASN A 75 -1.88 1.48 6.61
CA ASN A 75 -2.17 1.68 8.02
C ASN A 75 -1.07 1.11 8.91
N LEU A 76 -0.33 0.10 8.42
CA LEU A 76 0.78 -0.42 9.19
C LEU A 76 1.80 0.68 9.48
N ILE A 77 2.03 1.58 8.52
CA ILE A 77 2.96 2.68 8.75
C ILE A 77 2.53 3.49 9.97
N LEU A 78 1.24 3.83 10.02
CA LEU A 78 0.71 4.58 11.15
C LEU A 78 0.78 3.79 12.43
N ALA A 79 0.31 2.54 12.41
CA ALA A 79 0.27 1.72 13.61
C ALA A 79 1.68 1.54 14.19
N ASN A 80 2.66 1.39 13.32
CA ASN A 80 4.04 1.19 13.78
C ASN A 80 4.60 2.47 14.40
N SER A 81 4.19 3.63 13.90
CA SER A 81 4.63 4.86 14.53
C SER A 81 3.98 5.05 15.90
N VAL A 82 2.69 4.70 16.01
CA VAL A 82 2.04 4.74 17.31
C VAL A 82 2.82 3.90 18.31
N LYS A 83 3.24 2.70 17.89
CA LYS A 83 3.89 1.78 18.81
C LYS A 83 5.31 2.22 19.14
N TYR A 84 6.08 2.64 18.14
CA TYR A 84 7.48 2.95 18.41
C TYR A 84 7.67 4.35 18.97
N ASN A 85 6.88 5.32 18.49
CA ASN A 85 7.07 6.72 18.86
C ASN A 85 6.02 7.24 19.83
N GLY A 86 4.86 6.61 19.92
CA GLY A 86 3.80 7.07 20.78
C GLY A 86 2.70 7.76 19.99
N PRO A 87 1.48 7.74 20.52
CA PRO A 87 0.34 8.28 19.75
C PRO A 87 0.38 9.79 19.58
N GLU A 88 1.13 10.51 20.41
CA GLU A 88 1.23 11.97 20.33
C GLU A 88 2.55 12.44 19.74
N SER A 89 3.43 11.53 19.34
CA SER A 89 4.70 11.92 18.75
C SER A 89 4.47 12.69 17.45
N GLN A 90 5.36 13.65 17.17
CA GLN A 90 5.29 14.35 15.90
C GLN A 90 5.47 13.39 14.73
N TYR A 91 6.24 12.31 14.94
CA TYR A 91 6.33 11.30 13.91
C TYR A 91 4.95 10.75 13.58
N THR A 92 4.15 10.47 14.60
CA THR A 92 2.84 9.88 14.39
C THR A 92 1.86 10.86 13.76
N LYS A 93 1.96 12.14 14.14
CA LYS A 93 1.15 13.15 13.46
C LYS A 93 1.44 13.17 11.96
N THR A 94 2.72 13.04 11.58
CA THR A 94 3.07 12.99 10.16
C THR A 94 2.53 11.73 9.51
N ALA A 95 2.72 10.57 10.15
CA ALA A 95 2.16 9.35 9.59
C ALA A 95 0.66 9.47 9.40
N GLN A 96 -0.03 10.12 10.35
CA GLN A 96 -1.47 10.32 10.22
C GLN A 96 -1.82 11.14 8.98
N GLU A 97 -1.03 12.19 8.70
CA GLU A 97 -1.30 12.98 7.51
C GLU A 97 -1.05 12.16 6.25
N ILE A 98 -0.05 11.28 6.28
CA ILE A 98 0.19 10.41 5.13
C ILE A 98 -1.04 9.53 4.89
N VAL A 99 -1.58 8.94 5.95
CA VAL A 99 -2.76 8.11 5.81
C VAL A 99 -3.96 8.93 5.35
N ASN A 100 -4.13 10.12 5.89
CA ASN A 100 -5.29 10.93 5.52
C ASN A 100 -5.25 11.35 4.06
N VAL A 101 -4.08 11.75 3.55
CA VAL A 101 -4.03 12.15 2.15
C VAL A 101 -4.22 10.95 1.26
N CYS A 102 -3.80 9.77 1.72
CA CYS A 102 -4.10 8.54 0.99
C CYS A 102 -5.61 8.34 0.86
N TYR A 103 -6.33 8.36 1.99
CA TYR A 103 -7.78 8.24 1.96
C TYR A 103 -8.41 9.27 1.05
N GLN A 104 -7.95 10.52 1.16
CA GLN A 104 -8.55 11.60 0.37
C GLN A 104 -8.40 11.34 -1.11
N THR A 105 -7.22 10.86 -1.53
CA THR A 105 -6.97 10.64 -2.94
C THR A 105 -7.65 9.37 -3.44
N LEU A 106 -7.70 8.33 -2.60
CA LEU A 106 -8.46 7.14 -2.98
C LEU A 106 -9.90 7.48 -3.26
N THR A 107 -10.47 8.38 -2.45
CA THR A 107 -11.87 8.78 -2.64
C THR A 107 -12.06 9.45 -3.99
N GLU A 108 -11.09 10.28 -4.41
CA GLU A 108 -11.20 10.90 -5.71
C GLU A 108 -11.25 9.88 -6.84
N TYR A 109 -10.57 8.74 -6.65
CA TYR A 109 -10.47 7.73 -7.70
C TYR A 109 -11.26 6.45 -7.36
N ASP A 110 -12.22 6.54 -6.44
CA ASP A 110 -12.87 5.31 -5.97
C ASP A 110 -13.70 4.67 -7.07
N GLU A 111 -14.36 5.48 -7.91
CA GLU A 111 -15.15 4.91 -9.00
C GLU A 111 -14.29 4.05 -9.90
N HIS A 112 -13.16 4.58 -10.36
CA HIS A 112 -12.27 3.83 -11.26
C HIS A 112 -11.60 2.68 -10.52
N LEU A 113 -11.14 2.91 -9.30
CA LEU A 113 -10.50 1.83 -8.56
C LEU A 113 -11.48 0.70 -8.26
N THR A 114 -12.71 1.04 -7.89
CA THR A 114 -13.69 0.01 -7.59
C THR A 114 -13.97 -0.84 -8.83
N GLN A 115 -14.09 -0.22 -9.99
CA GLN A 115 -14.34 -0.97 -11.21
C GLN A 115 -13.16 -1.88 -11.56
N LEU A 116 -11.94 -1.34 -11.49
CA LEU A 116 -10.76 -2.16 -11.71
C LEU A 116 -10.69 -3.31 -10.74
N GLU A 117 -10.94 -3.05 -9.45
CA GLU A 117 -10.92 -4.10 -8.43
C GLU A 117 -11.90 -5.21 -8.78
N LYS A 118 -13.13 -4.85 -9.13
CA LYS A 118 -14.12 -5.86 -9.49
C LYS A 118 -13.70 -6.64 -10.74
N ASP A 119 -13.22 -5.93 -11.77
CA ASP A 119 -12.88 -6.60 -13.01
C ASP A 119 -11.67 -7.50 -12.83
N ILE A 120 -10.69 -7.06 -12.04
CA ILE A 120 -9.55 -7.94 -11.74
C ILE A 120 -10.03 -9.18 -11.01
N CYS A 121 -10.98 -9.03 -10.10
CA CYS A 121 -11.46 -10.17 -9.32
C CYS A 121 -12.21 -11.16 -10.19
N THR A 122 -13.03 -10.67 -11.11
CA THR A 122 -13.76 -11.57 -11.99
C THR A 122 -12.81 -12.28 -12.95
N ALA A 123 -11.86 -11.55 -13.52
CA ALA A 123 -10.91 -12.17 -14.44
C ALA A 123 -10.04 -13.20 -13.72
N LYS A 124 -9.64 -12.90 -12.49
CA LYS A 124 -8.83 -13.85 -11.73
C LYS A 124 -9.61 -15.13 -11.45
N GLU A 125 -10.88 -14.99 -11.07
CA GLU A 125 -11.71 -16.18 -10.83
C GLU A 125 -11.89 -16.98 -12.11
N ALA A 126 -12.05 -16.28 -13.24
CA ALA A 126 -12.19 -16.97 -14.52
C ALA A 126 -10.90 -17.73 -14.87
N ALA A 127 -9.75 -17.07 -14.71
CA ALA A 127 -8.49 -17.74 -15.03
C ALA A 127 -8.26 -18.94 -14.12
N LEU A 128 -8.64 -18.82 -12.84
CA LEU A 128 -8.52 -19.95 -11.93
C LEU A 128 -9.39 -21.11 -12.36
N GLU A 129 -10.64 -20.81 -12.72
CA GLU A 129 -11.57 -21.85 -13.19
C GLU A 129 -11.04 -22.53 -14.45
N GLU A 130 -10.54 -21.74 -15.41
CA GLU A 130 -10.03 -22.33 -16.64
C GLU A 130 -8.79 -23.17 -16.37
N ALA A 131 -7.88 -22.68 -15.52
CA ALA A 131 -6.68 -23.46 -15.22
C ALA A 131 -7.05 -24.80 -14.59
N GLU A 132 -8.07 -24.81 -13.74
CA GLU A 132 -8.47 -26.06 -13.08
C GLU A 132 -9.15 -26.99 -14.06
N LEU A 133 -9.99 -26.45 -14.96
CA LEU A 133 -10.60 -27.28 -15.98
C LEU A 133 -9.55 -27.86 -16.93
N GLU A 134 -8.50 -27.09 -17.23
CA GLU A 134 -7.45 -27.59 -18.12
C GLU A 134 -6.63 -28.68 -17.43
N SER A 135 -6.34 -28.49 -16.15
CA SER A 135 -5.51 -29.49 -15.45
C SER A 135 -6.21 -30.83 -15.38
N LEU A 136 -7.54 -30.84 -15.40
CA LEU A 136 -8.32 -32.07 -15.31
C LEU A 136 -8.65 -32.65 -16.67
N ASP A 137 -8.19 -32.04 -17.76
CA ASP A 137 -8.47 -32.52 -19.11
C ASP A 137 -7.54 -33.68 -19.49
#